data_8CCD
#
_entry.id   8CCD
#
_cell.length_a   45.556
_cell.length_b   48.123
_cell.length_c   57.156
_cell.angle_alpha   90.000
_cell.angle_beta   90.000
_cell.angle_gamma   90.000
#
_symmetry.space_group_name_H-M   'P 21 21 21'
#
loop_
_entity.id
_entity.type
_entity.pdbx_description
1 polymer 'Peptidyl-prolyl cis-trans isomerase FKBP5'
2 non-polymer '2-[3-[(1~{R})-1-[(2~{S})-1-[(2~{S})-2-(5-chloranylthiophen-2-yl)-2-(3,4,5-trimethoxyphenyl)ethanoyl]piperidin-2-yl]carbonyloxy-3-(3,4-dimethoxyphenyl)propyl]phenoxy]ethanoic acid'
3 water water
#
_entity_poly.entity_id   1
_entity_poly.type   'polypeptide(L)'
_entity_poly.pdbx_seq_one_letter_code
;GAPATVTEQGEDITSKKDRGVLKIVKRVGNGEETPMIGDKVYVHYKGKLSNGKKFDSSHDRNEPFVFSLGKGQVIKAWDI
GVATMKKGEIAHLLIKPEYAYGSAGSLPKIPSNATLFFEIELLDFKGE
;
_entity_poly.pdbx_strand_id   A
#
loop_
_chem_comp.id
_chem_comp.type
_chem_comp.name
_chem_comp.formula
UCO non-polymer '2-[3-[(1~{R})-1-[(2~{S})-1-[(2~{S})-2-(5-chloranylthiophen-2-yl)-2-(3,4,5-trimethoxyphenyl)ethanoyl]piperidin-2-yl]carbonyloxy-3-(3,4-dimethoxyphenyl)propyl]phenoxy]ethanoic acid' 'C40 H44 Cl N O11 S'
#
# COMPACT_ATOMS: atom_id res chain seq x y z
N GLY A 1 14.99 8.05 7.12
CA GLY A 1 14.63 6.98 6.18
C GLY A 1 13.29 7.29 5.52
N ALA A 2 12.80 6.35 4.71
CA ALA A 2 11.59 6.60 3.93
C ALA A 2 10.40 6.63 4.88
N PRO A 3 10.27 5.65 5.81
CA PRO A 3 9.22 5.69 6.83
C PRO A 3 9.14 7.05 7.50
N ALA A 4 10.28 7.49 8.06
CA ALA A 4 10.39 8.78 8.70
C ALA A 4 9.69 9.88 7.89
N THR A 5 10.01 10.04 6.60
CA THR A 5 9.39 11.09 5.77
C THR A 5 7.85 10.98 5.79
N VAL A 6 7.35 9.76 5.62
CA VAL A 6 5.93 9.49 5.57
C VAL A 6 5.26 9.93 6.89
N THR A 7 5.84 9.49 8.03
CA THR A 7 5.38 9.95 9.33
C THR A 7 5.20 11.48 9.35
N GLU A 8 6.23 12.21 8.92
CA GLU A 8 6.25 13.63 9.13
C GLU A 8 5.45 14.33 8.06
N GLN A 9 5.41 13.78 6.86
CA GLN A 9 4.84 14.54 5.76
C GLN A 9 3.78 13.77 5.00
N GLY A 10 3.50 12.54 5.42
CA GLY A 10 2.48 11.74 4.76
C GLY A 10 1.07 12.25 5.04
N GLU A 11 0.15 12.06 4.08
CA GLU A 11 -1.25 12.42 4.28
C GLU A 11 -1.96 11.19 4.80
N ASP A 12 -2.81 11.40 5.80
CA ASP A 12 -3.57 10.34 6.45
C ASP A 12 -4.81 10.10 5.60
N ILE A 13 -4.87 8.94 4.95
CA ILE A 13 -5.89 8.69 3.96
C ILE A 13 -6.97 7.77 4.53
N THR A 14 -6.87 7.40 5.82
CA THR A 14 -7.97 6.71 6.48
C THR A 14 -9.19 7.63 6.53
N SER A 15 -10.34 6.98 6.70
CA SER A 15 -11.59 7.63 7.01
C SER A 15 -11.64 8.05 8.47
N LYS A 16 -11.31 7.13 9.39
CA LYS A 16 -11.38 7.46 10.81
C LYS A 16 -10.34 8.52 11.12
N LYS A 17 -9.48 8.86 10.15
CA LYS A 17 -8.36 9.81 10.26
C LYS A 17 -7.51 9.48 11.47
N ASP A 18 -7.17 8.20 11.65
CA ASP A 18 -6.41 7.75 12.82
C ASP A 18 -4.94 7.52 12.45
N ARG A 19 -4.46 8.16 11.38
CA ARG A 19 -3.09 8.02 10.93
C ARG A 19 -2.68 6.54 10.76
N GLY A 20 -3.64 5.69 10.37
CA GLY A 20 -3.38 4.26 10.26
C GLY A 20 -2.77 3.90 8.92
N VAL A 21 -2.95 4.78 7.94
CA VAL A 21 -2.34 4.66 6.64
C VAL A 21 -1.94 6.06 6.23
N LEU A 22 -0.61 6.29 6.18
CA LEU A 22 -0.04 7.57 5.79
C LEU A 22 0.57 7.40 4.41
N LYS A 23 0.37 8.37 3.53
CA LYS A 23 0.84 8.21 2.17
C LYS A 23 1.69 9.41 1.76
N ILE A 24 2.77 9.16 0.99
CA ILE A 24 3.50 10.18 0.26
C ILE A 24 3.54 9.78 -1.21
N VAL A 25 3.32 10.74 -2.11
CA VAL A 25 3.57 10.50 -3.52
C VAL A 25 5.06 10.71 -3.77
N LYS A 26 5.74 9.68 -4.31
CA LYS A 26 7.14 9.78 -4.69
C LYS A 26 7.26 10.06 -6.19
N ARG A 27 6.39 9.52 -7.03
CA ARG A 27 6.34 9.98 -8.40
C ARG A 27 4.88 10.17 -8.78
N VAL A 28 4.63 11.34 -9.36
CA VAL A 28 3.31 11.66 -9.84
C VAL A 28 2.97 10.78 -11.04
N GLY A 29 1.72 10.32 -11.08
CA GLY A 29 1.19 9.50 -12.14
C GLY A 29 0.56 10.40 -13.20
N ASN A 30 -0.08 9.76 -14.18
CA ASN A 30 -0.52 10.38 -15.40
C ASN A 30 -2.03 10.62 -15.28
N GLY A 31 -2.52 11.65 -15.98
CA GLY A 31 -3.91 12.09 -15.90
C GLY A 31 -4.47 12.22 -14.46
N GLU A 32 -5.80 12.17 -14.35
CA GLU A 32 -6.46 12.39 -13.07
C GLU A 32 -7.06 11.08 -12.52
N GLU A 33 -7.35 10.07 -13.36
CA GLU A 33 -8.19 8.96 -12.92
C GLU A 33 -7.45 8.03 -11.97
N THR A 34 -8.21 7.54 -11.01
CA THR A 34 -7.74 6.52 -10.09
C THR A 34 -8.77 5.39 -10.04
N PRO A 35 -8.43 4.19 -9.57
CA PRO A 35 -9.34 3.05 -9.69
C PRO A 35 -10.59 3.07 -8.79
N MET A 36 -11.72 2.59 -9.33
CA MET A 36 -12.95 2.35 -8.60
C MET A 36 -12.89 0.99 -7.92
N ILE A 37 -13.70 0.79 -6.89
CA ILE A 37 -13.94 -0.55 -6.40
C ILE A 37 -14.46 -1.50 -7.50
N GLY A 38 -13.82 -2.69 -7.54
CA GLY A 38 -14.04 -3.70 -8.56
C GLY A 38 -13.14 -3.58 -9.81
N ASP A 39 -12.32 -2.52 -9.91
CA ASP A 39 -11.33 -2.44 -10.95
C ASP A 39 -10.20 -3.46 -10.64
N LYS A 40 -9.79 -4.22 -11.68
CA LYS A 40 -8.57 -5.00 -11.59
C LYS A 40 -7.42 -3.99 -11.70
N VAL A 41 -6.46 -4.16 -10.79
CA VAL A 41 -5.34 -3.26 -10.61
C VAL A 41 -4.04 -4.02 -10.84
N TYR A 42 -3.06 -3.37 -11.47
CA TYR A 42 -1.74 -3.92 -11.74
C TYR A 42 -0.66 -3.06 -11.09
N VAL A 43 0.11 -3.63 -10.15
CA VAL A 43 1.18 -2.87 -9.48
C VAL A 43 2.49 -3.65 -9.39
N HIS A 44 3.60 -2.90 -9.29
CA HIS A 44 4.84 -3.34 -8.66
C HIS A 44 4.88 -2.81 -7.23
N TYR A 45 5.53 -3.55 -6.32
CA TYR A 45 5.65 -3.09 -4.95
C TYR A 45 6.88 -3.71 -4.28
N LYS A 46 7.29 -3.10 -3.17
CA LYS A 46 8.11 -3.80 -2.19
C LYS A 46 7.71 -3.30 -0.83
N GLY A 47 7.96 -4.11 0.20
CA GLY A 47 7.54 -3.78 1.54
C GLY A 47 8.47 -4.37 2.58
N LYS A 48 8.36 -3.81 3.78
CA LYS A 48 9.13 -4.25 4.94
C LYS A 48 8.40 -3.92 6.25
N LEU A 49 8.65 -4.71 7.30
CA LEU A 49 8.28 -4.27 8.62
C LEU A 49 9.02 -2.97 8.87
N SER A 50 8.44 -1.99 9.56
CA SER A 50 9.20 -0.80 9.84
C SER A 50 10.42 -1.11 10.71
N ASN A 51 10.20 -1.77 11.85
CA ASN A 51 11.30 -2.24 12.69
C ASN A 51 11.38 -3.75 12.54
N GLY A 52 11.91 -4.16 11.39
CA GLY A 52 12.08 -5.56 11.11
C GLY A 52 12.91 -5.78 9.85
N LYS A 53 13.64 -6.89 9.88
CA LYS A 53 14.35 -7.38 8.73
C LYS A 53 13.48 -8.44 8.05
N LYS A 54 12.17 -8.21 7.99
CA LYS A 54 11.36 -8.86 6.96
C LYS A 54 11.18 -7.83 5.85
N PHE A 55 11.43 -8.29 4.61
CA PHE A 55 11.32 -7.50 3.40
C PHE A 55 10.61 -8.33 2.34
N ASP A 56 9.79 -7.68 1.50
CA ASP A 56 9.10 -8.35 0.41
C ASP A 56 9.19 -7.52 -0.87
N SER A 57 9.55 -8.20 -1.95
CA SER A 57 9.82 -7.59 -3.23
C SER A 57 9.51 -8.61 -4.33
N SER A 58 8.66 -9.57 -4.01
CA SER A 58 8.40 -10.60 -5.00
C SER A 58 8.00 -9.87 -6.28
N HIS A 59 7.21 -8.79 -6.13
CA HIS A 59 6.62 -8.19 -7.31
C HIS A 59 7.30 -6.86 -7.63
N ASP A 60 8.65 -6.90 -7.58
CA ASP A 60 9.47 -5.69 -7.63
C ASP A 60 10.08 -5.48 -9.02
N ARG A 61 9.25 -5.07 -9.99
CA ARG A 61 9.67 -4.99 -11.39
C ARG A 61 9.94 -6.41 -11.90
N ASN A 62 9.26 -7.43 -11.35
CA ASN A 62 9.40 -8.81 -11.82
C ASN A 62 8.13 -9.14 -12.61
N GLU A 63 7.13 -9.77 -11.97
CA GLU A 63 5.79 -9.83 -12.52
C GLU A 63 4.93 -8.80 -11.80
N PRO A 64 3.85 -8.28 -12.44
CA PRO A 64 2.91 -7.39 -11.77
C PRO A 64 2.13 -8.16 -10.70
N PHE A 65 1.89 -7.47 -9.59
CA PHE A 65 0.91 -7.89 -8.60
C PHE A 65 -0.44 -7.31 -9.04
N VAL A 66 -1.39 -8.23 -9.20
CA VAL A 66 -2.70 -7.93 -9.74
C VAL A 66 -3.72 -8.27 -8.64
N PHE A 67 -4.68 -7.37 -8.42
CA PHE A 67 -5.85 -7.74 -7.64
C PHE A 67 -7.02 -6.81 -7.94
N SER A 68 -8.18 -7.20 -7.41
CA SER A 68 -9.40 -6.45 -7.62
C SER A 68 -9.69 -5.59 -6.39
N LEU A 69 -9.77 -4.28 -6.68
CA LEU A 69 -9.73 -3.27 -5.65
C LEU A 69 -11.04 -3.30 -4.85
N GLY A 70 -10.87 -3.11 -3.54
CA GLY A 70 -11.97 -3.24 -2.62
C GLY A 70 -12.77 -4.48 -2.91
N LYS A 71 -12.11 -5.64 -2.93
CA LYS A 71 -12.83 -6.90 -2.77
C LYS A 71 -12.27 -7.64 -1.55
N GLY A 72 -11.41 -7.00 -0.78
CA GLY A 72 -10.73 -7.67 0.32
C GLY A 72 -9.72 -8.75 -0.11
N GLN A 73 -9.08 -8.57 -1.27
CA GLN A 73 -8.10 -9.53 -1.72
C GLN A 73 -6.78 -9.26 -1.03
N VAL A 74 -6.69 -8.08 -0.39
CA VAL A 74 -5.53 -7.54 0.27
C VAL A 74 -5.96 -6.88 1.57
N ILE A 75 -4.98 -6.60 2.41
CA ILE A 75 -5.17 -5.82 3.63
C ILE A 75 -5.82 -4.47 3.32
N LYS A 76 -6.56 -3.99 4.32
CA LYS A 76 -7.41 -2.83 4.20
C LYS A 76 -6.55 -1.68 3.69
N ALA A 77 -5.33 -1.55 4.24
CA ALA A 77 -4.42 -0.47 3.88
C ALA A 77 -4.19 -0.35 2.36
N TRP A 78 -4.24 -1.47 1.63
CA TRP A 78 -4.00 -1.49 0.20
C TRP A 78 -5.29 -1.15 -0.55
N ASP A 79 -6.41 -1.68 -0.06
CA ASP A 79 -7.71 -1.31 -0.64
C ASP A 79 -7.89 0.20 -0.49
N ILE A 80 -7.43 0.76 0.65
CA ILE A 80 -7.50 2.20 0.87
C ILE A 80 -6.51 2.91 -0.06
N GLY A 81 -5.24 2.46 -0.05
CA GLY A 81 -4.12 3.25 -0.53
C GLY A 81 -4.04 3.27 -2.06
N VAL A 82 -4.18 2.06 -2.62
CA VAL A 82 -4.02 1.91 -4.04
C VAL A 82 -5.15 2.62 -4.77
N ALA A 83 -6.31 2.73 -4.11
CA ALA A 83 -7.51 3.38 -4.65
C ALA A 83 -7.25 4.85 -5.02
N THR A 84 -6.28 5.47 -4.29
CA THR A 84 -5.92 6.87 -4.39
C THR A 84 -4.86 7.15 -5.48
N MET A 85 -4.40 6.15 -6.22
CA MET A 85 -3.21 6.36 -7.03
C MET A 85 -3.59 6.51 -8.49
N LYS A 86 -2.84 7.37 -9.19
CA LYS A 86 -2.97 7.56 -10.63
C LYS A 86 -2.11 6.49 -11.32
N LYS A 87 -2.38 6.21 -12.61
CA LYS A 87 -1.56 5.28 -13.38
C LYS A 87 -0.19 5.94 -13.58
N GLY A 88 0.89 5.16 -13.35
CA GLY A 88 2.24 5.69 -13.34
C GLY A 88 2.69 6.26 -11.98
N GLU A 89 1.79 6.35 -11.00
CA GLU A 89 2.14 6.89 -9.70
C GLU A 89 2.94 5.85 -8.96
N ILE A 90 3.96 6.32 -8.22
CA ILE A 90 4.64 5.58 -7.18
C ILE A 90 4.43 6.33 -5.88
N ALA A 91 4.20 5.57 -4.79
CA ALA A 91 3.88 6.13 -3.50
C ALA A 91 4.43 5.29 -2.33
N HIS A 92 4.70 5.95 -1.21
CA HIS A 92 5.03 5.26 0.03
C HIS A 92 3.76 5.22 0.89
N LEU A 93 3.54 4.08 1.56
CA LEU A 93 2.52 3.94 2.58
C LEU A 93 3.22 3.48 3.85
N LEU A 94 2.82 4.07 4.98
CA LEU A 94 3.15 3.58 6.30
C LEU A 94 1.83 3.16 6.94
N ILE A 95 1.81 1.98 7.59
CA ILE A 95 0.56 1.30 7.89
C ILE A 95 0.57 0.73 9.31
N LYS A 96 -0.33 1.23 10.12
CA LYS A 96 -0.53 0.71 11.46
C LYS A 96 -1.09 -0.70 11.36
N PRO A 97 -0.82 -1.58 12.35
CA PRO A 97 -1.32 -2.95 12.34
C PRO A 97 -2.84 -3.12 12.15
N GLU A 98 -3.61 -2.13 12.60
CA GLU A 98 -5.05 -2.23 12.51
C GLU A 98 -5.52 -2.24 11.06
N TYR A 99 -4.68 -1.77 10.11
CA TYR A 99 -5.03 -1.72 8.70
C TYR A 99 -4.20 -2.73 7.93
N ALA A 100 -3.57 -3.64 8.69
CA ALA A 100 -2.72 -4.69 8.18
C ALA A 100 -3.12 -6.03 8.81
N TYR A 101 -2.29 -6.56 9.71
CA TYR A 101 -2.42 -7.93 10.20
C TYR A 101 -2.80 -7.94 11.68
N GLY A 102 -2.91 -6.76 12.27
CA GLY A 102 -3.44 -6.59 13.61
C GLY A 102 -2.64 -7.45 14.58
N SER A 103 -3.24 -7.72 15.74
CA SER A 103 -2.53 -8.39 16.82
C SER A 103 -2.23 -9.84 16.45
N ALA A 104 -3.06 -10.46 15.61
CA ALA A 104 -2.85 -11.81 15.14
C ALA A 104 -1.57 -11.94 14.31
N GLY A 105 -1.28 -10.87 13.55
CA GLY A 105 -0.21 -10.89 12.59
C GLY A 105 -0.42 -12.01 11.58
N SER A 106 0.67 -12.54 11.04
CA SER A 106 0.60 -13.55 9.99
C SER A 106 1.85 -14.43 10.04
N LEU A 107 2.03 -15.08 11.21
CA LEU A 107 3.23 -15.84 11.54
C LEU A 107 3.52 -16.87 10.46
N PRO A 108 4.81 -17.16 10.11
CA PRO A 108 5.96 -16.47 10.69
C PRO A 108 6.32 -15.18 9.96
N LYS A 109 5.67 -14.92 8.80
CA LYS A 109 6.00 -13.76 7.98
C LYS A 109 5.81 -12.47 8.78
N ILE A 110 4.57 -12.14 9.18
CA ILE A 110 4.29 -10.87 9.86
C ILE A 110 4.03 -11.11 11.35
N PRO A 111 4.78 -10.47 12.28
CA PRO A 111 4.47 -10.59 13.70
C PRO A 111 3.25 -9.78 14.13
N SER A 112 2.77 -10.11 15.34
CA SER A 112 1.65 -9.45 15.97
C SER A 112 1.85 -7.94 15.98
N ASN A 113 0.84 -7.16 15.59
CA ASN A 113 0.87 -5.71 15.76
C ASN A 113 1.97 -5.04 14.88
N ALA A 114 2.19 -5.53 13.66
CA ALA A 114 3.27 -4.97 12.85
C ALA A 114 2.84 -3.67 12.16
N THR A 115 3.74 -2.67 12.16
CA THR A 115 3.68 -1.57 11.22
C THR A 115 4.41 -1.92 9.94
N LEU A 116 3.82 -1.58 8.79
CA LEU A 116 4.41 -1.98 7.54
C LEU A 116 4.69 -0.75 6.71
N PHE A 117 5.69 -0.90 5.83
CA PHE A 117 6.07 0.15 4.91
C PHE A 117 6.01 -0.43 3.52
N PHE A 118 5.37 0.26 2.58
CA PHE A 118 5.35 -0.23 1.22
C PHE A 118 5.68 0.90 0.27
N GLU A 119 6.32 0.50 -0.81
CA GLU A 119 6.49 1.37 -1.95
C GLU A 119 5.76 0.69 -3.09
N ILE A 120 4.80 1.40 -3.71
CA ILE A 120 3.88 0.80 -4.65
C ILE A 120 3.94 1.63 -5.93
N GLU A 121 4.03 0.92 -7.05
CA GLU A 121 3.83 1.54 -8.34
C GLU A 121 2.53 1.03 -8.91
N LEU A 122 1.64 1.95 -9.29
CA LEU A 122 0.44 1.53 -9.99
C LEU A 122 0.73 1.55 -11.48
N LEU A 123 0.74 0.35 -12.06
CA LEU A 123 1.12 0.24 -13.46
C LEU A 123 -0.09 0.60 -14.29
N ASP A 124 -1.25 0.03 -13.91
CA ASP A 124 -2.48 0.11 -14.70
C ASP A 124 -3.68 -0.39 -13.90
N PHE A 125 -4.89 -0.07 -14.40
CA PHE A 125 -6.13 -0.58 -13.82
C PHE A 125 -7.21 -0.73 -14.89
N LYS A 126 -8.04 -1.78 -14.79
CA LYS A 126 -9.04 -2.11 -15.81
C LYS A 126 -10.36 -2.39 -15.09
N GLY A 127 -11.47 -2.04 -15.76
CA GLY A 127 -12.81 -2.32 -15.29
C GLY A 127 -13.05 -3.82 -15.20
N GLU A 128 -13.60 -4.28 -14.05
CA GLU A 128 -13.95 -5.67 -13.85
C GLU A 128 -14.99 -6.11 -14.89
CBZ UCO B . 4.10 -12.27 -1.98
OBY UCO B . 3.47 -13.03 -0.92
CBS UCO B . 3.17 -12.38 0.24
CBR UCO B . 3.35 -11.02 0.38
CBT UCO B . 2.65 -13.11 1.33
OBX UCO B . 2.46 -14.47 1.28
CCA UCO B . 2.07 -15.08 0.06
CBU UCO B . 2.33 -12.50 2.54
OBW UCO B . 1.84 -13.31 3.55
CCB UCO B . 1.24 -12.59 4.61
CBV UCO B . 2.50 -11.12 2.67
CBK UCO B . 3.01 -10.39 1.58
CBJ UCO B . 3.24 -9.01 1.73
CBL UCO B . 4.37 -8.83 2.82
SBP UCO B . 4.80 -7.42 3.46
CBO UCO B . 5.94 -8.00 4.39
CLBQ UCO B . 6.95 -7.00 5.45
CBN UCO B . 6.04 -9.33 4.26
CBM UCO B . 5.15 -9.80 3.36
CBH UCO B . 1.96 -8.24 2.08
OBI UCO B . 1.79 -7.85 3.23
N UCO B . 1.10 -7.98 1.09
CBF UCO B . 1.29 -8.40 -0.31
CBE UCO B . 1.15 -7.25 -1.18
CBD UCO B . -0.19 -6.72 -1.01
CB UCO B . -0.35 -6.11 0.34
CA UCO B . -0.15 -7.27 1.39
C UCO B . -1.29 -8.18 1.52
O UCO B . -2.43 -7.75 1.58
OAO UCO B . -1.04 -9.52 1.67
CAM UCO B . -2.13 -10.51 1.46
CAN UCO B . -1.89 -11.03 0.13
CAP UCO B . -2.77 -10.74 -0.94
CAT UCO B . -0.70 -11.69 -0.16
CAS UCO B . -0.43 -12.10 -1.48
CAR UCO B . -1.31 -11.85 -2.52
CAQ UCO B . -2.51 -11.16 -2.26
OAU UCO B . -3.42 -10.86 -3.24
CAV UCO B . -3.18 -11.18 -4.63
CAW UCO B . -3.19 -12.70 -4.87
OAY UCO B . -3.73 -13.44 -3.99
OAX UCO B . -2.62 -13.05 -5.94
CAL UCO B . -2.11 -11.55 2.63
CAK UCO B . -3.32 -12.48 2.58
CAD UCO B . -4.43 -11.67 2.90
CAC UCO B . -4.63 -11.30 4.23
CAE UCO B . -5.30 -11.18 1.89
CAF UCO B . -6.34 -10.34 2.26
CAA UCO B . -6.52 -9.98 3.62
OAG UCO B . -7.50 -9.21 4.12
CAH UCO B . -8.53 -8.78 3.23
CAB UCO B . -5.66 -10.44 4.58
OAI UCO B . -5.93 -10.03 5.86
CAJ UCO B . -4.84 -10.15 6.78
HB6 UCO B . 4.34 -12.95 -2.79
HB7 UCO B . 5.01 -11.81 -1.61
HBZ UCO B . 3.41 -11.50 -2.35
HBR UCO B . 3.74 -10.43 -0.43
HCC UCO B . 1.48 -15.98 0.29
HCA UCO B . 2.94 -15.38 -0.52
HCB UCO B . 1.44 -14.41 -0.53
HCD UCO B . 0.70 -13.30 5.23
HCE UCO B . 0.52 -11.86 4.22
HCF UCO B . 2.00 -12.09 5.21
HBV UCO B . 2.27 -10.61 3.60
HBJ UCO B . 3.65 -8.59 0.82
HBN UCO B . 6.74 -9.97 4.79
HBM UCO B . 5.08 -10.86 3.11
HB5 UCO B . 0.53 -9.15 -0.58
HBF UCO B . 2.26 -8.81 -0.51
HB4 UCO B . 1.75 -6.43 -0.92
HBE UCO B . 1.16 -7.48 -2.20
HB3 UCO B . -0.38 -5.89 -1.62
HBD UCO B . -0.97 -7.42 -1.02
HB2 UCO B . 0.43 -5.47 0.63
HB1 UCO B . -1.29 -5.77 0.56
HA UCO B . -0.05 -6.78 2.35
HAR UCO B . -3.08 -9.99 1.46
HAS UCO B . -3.68 -10.19 -0.74
HAV UCO B . 0.01 -11.90 0.62
HAU UCO B . 0.48 -12.65 -1.69
HAT UCO B . -1.06 -12.21 -3.51
HAW UCO B . -2.22 -10.78 -4.94
HAX UCO B . -3.96 -10.72 -5.23
HAP UCO B . -2.24 -11.11 3.57
HAQ UCO B . -1.34 -12.25 2.57
HAN UCO B . -3.26 -13.22 3.32
HAO UCO B . -3.57 -12.83 1.63
HAC UCO B . -3.92 -11.66 4.98
HAE UCO B . -5.15 -11.47 0.85
HAF UCO B . -7.02 -9.99 1.49
HAJ UCO B . -9.04 -7.92 3.68
HAH UCO B . -9.25 -9.58 3.11
HAI UCO B . -8.14 -8.48 2.28
HAK UCO B . -5.09 -9.60 7.68
HAL UCO B . -3.94 -9.74 6.34
HAM UCO B . -4.69 -11.20 7.03
#